data_7YR8
#
_entry.id   7YR8
#
loop_
_entity.id
_entity.type
_entity.pdbx_description
1 polymer Nucleoprotein
2 polymer "RNA (5'-R(P*UP*UP*UP*UP*UP*U)-3')"
#
loop_
_entity_poly.entity_id
_entity_poly.type
_entity_poly.pdbx_seq_one_letter_code
_entity_poly.pdbx_strand_id
1 'polypeptide(L)'
;ELHGILSLGLNVDHTIVRKKSIPLFEIGNSDQVCNWIIQIIEAGVDLQEVADSFLTMLCVNHAYQGDPNLFLESPAAHYL
KGHGIHFEIQHRDNVDHITDLLGVGSRDKSLRKTLSALEFEPGGTTTAGMFLSFASLFLPKLVVGERACLEKVQRQIQIH
AEQGLIQYPTQWQSVGHMMVVFRLIRVNFVLKFLLVHQGMHMMAGHDANDAIIANSISQTRFSGLLIVKTVLEHILQKTE
AGVQLHPLARTSKVKGELLAFKSALEALASHREYAPFARLLNLSGVNNLEHGLYPQLSAIALGVATAHGSTLAGVNVSEQ
YQQLREAATEAEKQLQQHSEMRELETLGLDEQERKILATFHSRKNEINIQQTSSILAIRKERLRKLT
;
A
2 'polyribonucleotide' UUUUUU R
#
loop_
_chem_comp.id
_chem_comp.type
_chem_comp.name
_chem_comp.formula
U RNA linking URIDINE-5'-MONOPHOSPHATE 'C9 H13 N2 O9 P'
#
# COMPACT_ATOMS: atom_id res chain seq x y z
N GLU A 1 16.59 -2.21 34.53
CA GLU A 1 16.87 -1.77 33.17
C GLU A 1 16.63 -0.29 32.91
N LEU A 2 17.72 0.47 32.84
CA LEU A 2 17.59 1.87 32.43
C LEU A 2 17.51 2.01 30.92
N HIS A 3 17.81 0.95 30.18
CA HIS A 3 17.70 1.01 28.73
C HIS A 3 16.25 0.97 28.28
N GLY A 4 15.32 0.72 29.20
CA GLY A 4 13.92 0.86 28.89
C GLY A 4 13.52 2.30 28.61
N ILE A 5 14.31 3.25 29.12
CA ILE A 5 13.99 4.67 28.91
C ILE A 5 14.00 5.01 27.43
N LEU A 6 14.80 4.28 26.65
CA LEU A 6 14.86 4.54 25.21
C LEU A 6 13.58 4.10 24.51
N SER A 7 12.90 3.09 25.04
CA SER A 7 11.69 2.56 24.42
C SER A 7 10.41 3.13 25.00
N LEU A 8 10.49 4.10 25.90
CA LEU A 8 9.29 4.70 26.47
C LEU A 8 8.52 5.45 25.39
N GLY A 9 7.21 5.24 25.34
CA GLY A 9 6.36 5.94 24.42
C GLY A 9 6.34 5.39 23.01
N LEU A 10 6.84 4.18 22.78
CA LEU A 10 6.85 3.58 21.46
C LEU A 10 5.71 2.57 21.29
N ASN A 11 5.69 1.52 22.11
CA ASN A 11 4.60 0.55 22.08
C ASN A 11 3.67 0.87 23.25
N VAL A 12 2.78 1.82 23.01
CA VAL A 12 1.80 2.21 24.01
C VAL A 12 0.53 1.39 23.81
N ASP A 13 -0.28 1.31 24.87
CA ASP A 13 -1.51 0.55 24.80
C ASP A 13 -2.56 1.29 23.99
N HIS A 14 -3.64 0.59 23.69
CA HIS A 14 -4.70 1.15 22.86
C HIS A 14 -5.59 2.05 23.69
N THR A 15 -5.63 3.33 23.34
CA THR A 15 -6.57 4.29 23.90
C THR A 15 -7.14 5.12 22.75
N ILE A 16 -8.35 5.62 22.96
CA ILE A 16 -9.03 6.45 21.97
C ILE A 16 -8.79 7.90 22.31
N VAL A 17 -8.13 8.63 21.41
CA VAL A 17 -7.77 10.03 21.65
C VAL A 17 -8.55 10.96 20.73
N ARG A 18 -9.60 10.47 20.07
CA ARG A 18 -10.33 11.28 19.11
C ARG A 18 -11.81 10.92 19.18
N LYS A 19 -12.61 11.71 18.47
CA LYS A 19 -14.04 11.45 18.31
C LYS A 19 -14.43 11.97 16.94
N LYS A 20 -14.56 11.06 15.98
CA LYS A 20 -15.03 11.40 14.65
C LYS A 20 -16.36 10.70 14.40
N SER A 21 -17.27 11.41 13.76
CA SER A 21 -18.59 10.87 13.46
C SER A 21 -18.93 11.22 12.02
N ILE A 22 -18.97 10.20 11.16
CA ILE A 22 -19.28 10.37 9.75
C ILE A 22 -20.77 10.11 9.55
N PRO A 23 -21.53 11.09 9.06
CA PRO A 23 -22.95 10.83 8.76
C PRO A 23 -23.11 9.88 7.57
N LEU A 24 -23.89 8.83 7.77
CA LEU A 24 -24.27 7.90 6.72
C LEU A 24 -25.77 7.99 6.49
N PHE A 25 -26.17 8.03 5.23
CA PHE A 25 -27.54 8.37 4.86
C PHE A 25 -28.27 7.14 4.38
N GLU A 26 -29.39 6.83 5.01
CA GLU A 26 -30.32 5.82 4.51
C GLU A 26 -31.29 6.51 3.57
N ILE A 27 -31.09 6.31 2.27
CA ILE A 27 -31.86 6.99 1.25
C ILE A 27 -32.56 5.94 0.39
N GLY A 28 -33.34 6.41 -0.58
CA GLY A 28 -33.94 5.53 -1.55
C GLY A 28 -33.08 5.37 -2.79
N ASN A 29 -32.68 6.49 -3.38
CA ASN A 29 -31.86 6.49 -4.60
C ASN A 29 -30.39 6.49 -4.21
N SER A 30 -29.92 5.33 -3.77
CA SER A 30 -28.52 5.22 -3.37
C SER A 30 -27.60 5.27 -4.58
N ASP A 31 -27.98 4.58 -5.66
CA ASP A 31 -27.17 4.57 -6.87
C ASP A 31 -27.10 5.96 -7.49
N GLN A 32 -28.23 6.66 -7.50
CA GLN A 32 -28.29 8.00 -8.07
C GLN A 32 -27.41 8.97 -7.29
N VAL A 33 -27.47 8.88 -5.96
CA VAL A 33 -26.63 9.72 -5.12
C VAL A 33 -25.16 9.39 -5.33
N CYS A 34 -24.83 8.11 -5.42
CA CYS A 34 -23.44 7.71 -5.63
C CYS A 34 -22.92 8.20 -6.97
N ASN A 35 -23.77 8.18 -8.00
CA ASN A 35 -23.38 8.75 -9.28
C ASN A 35 -23.13 10.24 -9.16
N TRP A 36 -23.95 10.95 -8.39
CA TRP A 36 -23.69 12.37 -8.14
C TRP A 36 -22.34 12.57 -7.46
N ILE A 37 -22.01 11.70 -6.50
CA ILE A 37 -20.74 11.80 -5.81
C ILE A 37 -19.59 11.58 -6.77
N ILE A 38 -19.71 10.57 -7.64
CA ILE A 38 -18.67 10.32 -8.62
C ILE A 38 -18.51 11.51 -9.55
N GLN A 39 -19.62 12.14 -9.92
CA GLN A 39 -19.55 13.31 -10.81
C GLN A 39 -18.89 14.50 -10.14
N ILE A 40 -19.16 14.72 -8.84
CA ILE A 40 -18.50 15.83 -8.16
C ILE A 40 -17.01 15.53 -7.99
N ILE A 41 -16.66 14.26 -7.83
CA ILE A 41 -15.24 13.89 -7.85
C ILE A 41 -14.63 14.22 -9.20
N GLU A 42 -15.32 13.87 -10.28
CA GLU A 42 -14.81 14.13 -11.63
C GLU A 42 -14.67 15.62 -11.91
N ALA A 43 -15.53 16.44 -11.31
CA ALA A 43 -15.49 17.88 -11.54
C ALA A 43 -14.23 18.53 -10.95
N GLY A 44 -13.49 17.81 -10.11
CA GLY A 44 -12.31 18.36 -9.49
C GLY A 44 -12.55 19.14 -8.23
N VAL A 45 -13.81 19.38 -7.84
CA VAL A 45 -14.09 20.14 -6.63
C VAL A 45 -13.66 19.35 -5.42
N ASP A 46 -12.94 20.01 -4.52
CA ASP A 46 -12.50 19.38 -3.28
C ASP A 46 -13.64 19.31 -2.29
N LEU A 47 -13.72 18.19 -1.56
CA LEU A 47 -14.76 17.96 -0.58
C LEU A 47 -14.23 18.25 0.80
N GLN A 48 -14.83 19.23 1.48
CA GLN A 48 -14.37 19.68 2.78
C GLN A 48 -15.19 18.99 3.86
N GLU A 49 -14.57 18.03 4.55
CA GLU A 49 -15.16 17.33 5.68
C GLU A 49 -16.30 16.41 5.27
N VAL A 50 -16.70 16.47 4.00
CA VAL A 50 -17.75 15.58 3.51
C VAL A 50 -17.14 14.47 2.68
N ALA A 51 -15.83 14.54 2.42
CA ALA A 51 -15.17 13.49 1.67
C ALA A 51 -15.37 12.15 2.35
N ASP A 52 -15.22 12.11 3.67
CA ASP A 52 -15.44 10.87 4.40
C ASP A 52 -16.88 10.38 4.23
N SER A 53 -17.85 11.28 4.33
CA SER A 53 -19.26 10.90 4.23
C SER A 53 -19.58 10.32 2.87
N PHE A 54 -19.19 11.03 1.80
CA PHE A 54 -19.57 10.57 0.48
C PHE A 54 -18.78 9.34 0.05
N LEU A 55 -17.50 9.25 0.43
CA LEU A 55 -16.74 8.07 0.05
C LEU A 55 -17.19 6.85 0.82
N THR A 56 -17.57 7.01 2.08
CA THR A 56 -18.17 5.89 2.80
C THR A 56 -19.54 5.56 2.24
N MET A 57 -20.26 6.54 1.72
CA MET A 57 -21.51 6.25 1.01
C MET A 57 -21.24 5.36 -0.19
N LEU A 58 -20.20 5.68 -0.96
CA LEU A 58 -19.86 4.86 -2.12
C LEU A 58 -19.47 3.45 -1.69
N CYS A 59 -18.69 3.33 -0.62
CA CYS A 59 -18.29 2.01 -0.15
C CYS A 59 -19.48 1.20 0.35
N VAL A 60 -20.43 1.84 1.04
CA VAL A 60 -21.62 1.14 1.51
C VAL A 60 -22.48 0.72 0.32
N ASN A 61 -22.60 1.57 -0.70
CA ASN A 61 -23.33 1.19 -1.89
C ASN A 61 -22.69 -0.02 -2.56
N HIS A 62 -21.36 -0.04 -2.64
CA HIS A 62 -20.69 -1.15 -3.31
C HIS A 62 -20.85 -2.44 -2.52
N ALA A 63 -20.56 -2.41 -1.22
CA ALA A 63 -20.48 -3.64 -0.45
C ALA A 63 -21.86 -4.13 -0.03
N TYR A 64 -22.74 -3.23 0.39
CA TYR A 64 -24.00 -3.59 1.03
C TYR A 64 -25.22 -3.15 0.23
N GLN A 65 -25.02 -2.76 -1.02
CA GLN A 65 -26.09 -2.40 -1.96
C GLN A 65 -26.84 -1.13 -1.56
N GLY A 66 -26.44 -0.51 -0.46
CA GLY A 66 -27.02 0.77 -0.10
C GLY A 66 -27.71 0.79 1.25
N ASP A 67 -27.43 -0.20 2.09
CA ASP A 67 -28.05 -0.25 3.40
C ASP A 67 -27.01 0.05 4.47
N PRO A 68 -26.93 1.29 4.94
CA PRO A 68 -25.87 1.64 5.89
C PRO A 68 -25.97 0.95 7.23
N ASN A 69 -27.14 0.44 7.62
CA ASN A 69 -27.25 -0.25 8.90
C ASN A 69 -26.43 -1.54 8.89
N LEU A 70 -26.46 -2.25 7.77
CA LEU A 70 -25.62 -3.43 7.61
C LEU A 70 -24.15 -3.07 7.74
N PHE A 71 -23.77 -1.89 7.23
CA PHE A 71 -22.39 -1.43 7.37
C PHE A 71 -22.06 -1.14 8.83
N LEU A 72 -22.97 -0.47 9.55
CA LEU A 72 -22.75 -0.23 10.97
C LEU A 72 -22.62 -1.52 11.76
N GLU A 73 -23.21 -2.62 11.29
CA GLU A 73 -22.97 -3.89 11.92
C GLU A 73 -21.81 -4.66 11.31
N SER A 74 -21.12 -4.08 10.33
CA SER A 74 -20.02 -4.75 9.66
C SER A 74 -18.77 -4.74 10.54
N PRO A 75 -17.86 -5.69 10.31
CA PRO A 75 -16.60 -5.70 11.08
C PRO A 75 -15.70 -4.52 10.78
N ALA A 76 -15.82 -3.89 9.61
CA ALA A 76 -15.04 -2.69 9.33
C ALA A 76 -15.46 -1.55 10.26
N ALA A 77 -16.76 -1.35 10.42
CA ALA A 77 -17.23 -0.35 11.37
C ALA A 77 -16.92 -0.75 12.81
N HIS A 78 -16.89 -2.05 13.09
CA HIS A 78 -16.49 -2.49 14.42
C HIS A 78 -15.04 -2.13 14.70
N TYR A 79 -14.16 -2.29 13.69
CA TYR A 79 -12.77 -1.92 13.87
C TYR A 79 -12.60 -0.42 13.99
N LEU A 80 -13.29 0.35 13.14
CA LEU A 80 -13.09 1.80 13.10
C LEU A 80 -13.48 2.43 14.43
N LYS A 81 -14.63 2.05 14.99
CA LYS A 81 -14.94 2.46 16.35
C LYS A 81 -14.10 1.63 17.32
N GLY A 82 -13.69 2.26 18.41
CA GLY A 82 -12.55 1.79 19.15
C GLY A 82 -11.26 2.43 18.72
N HIS A 83 -11.26 3.06 17.54
CA HIS A 83 -10.25 4.02 17.15
C HIS A 83 -10.81 5.44 17.10
N GLY A 84 -12.06 5.63 17.54
CA GLY A 84 -12.67 6.93 17.62
C GLY A 84 -13.50 7.33 16.44
N ILE A 85 -13.83 6.42 15.53
CA ILE A 85 -14.55 6.74 14.30
C ILE A 85 -15.90 6.07 14.35
N HIS A 86 -16.96 6.89 14.29
CA HIS A 86 -18.33 6.41 14.39
C HIS A 86 -19.13 6.89 13.19
N PHE A 87 -20.31 6.28 13.01
CA PHE A 87 -21.20 6.62 11.93
C PHE A 87 -22.61 6.85 12.46
N GLU A 88 -23.31 7.80 11.85
CA GLU A 88 -24.72 8.09 12.14
C GLU A 88 -25.56 7.68 10.95
N ILE A 89 -26.64 6.95 11.21
CA ILE A 89 -27.69 6.83 10.20
C ILE A 89 -28.60 8.06 10.29
N GLN A 90 -28.75 8.75 9.17
CA GLN A 90 -29.74 9.79 9.01
C GLN A 90 -30.57 9.52 7.77
N HIS A 91 -31.84 9.22 7.98
CA HIS A 91 -32.76 8.93 6.89
C HIS A 91 -33.02 10.22 6.15
N ARG A 92 -32.91 10.20 4.82
CA ARG A 92 -33.21 11.33 3.97
C ARG A 92 -34.51 10.99 3.24
N ASP A 93 -35.47 11.92 3.23
CA ASP A 93 -36.75 11.62 2.61
C ASP A 93 -36.68 11.77 1.09
N ASN A 94 -36.39 12.97 0.60
CA ASN A 94 -36.28 13.20 -0.84
C ASN A 94 -34.94 13.83 -1.13
N VAL A 95 -34.24 13.29 -2.13
CA VAL A 95 -32.95 13.82 -2.52
C VAL A 95 -33.00 14.18 -4.00
N ASP A 96 -33.33 15.43 -4.29
CA ASP A 96 -33.32 15.89 -5.67
C ASP A 96 -31.92 16.36 -6.07
N HIS A 97 -31.15 16.85 -5.11
CA HIS A 97 -29.82 17.37 -5.37
C HIS A 97 -28.84 16.78 -4.36
N ILE A 98 -27.57 16.72 -4.74
CA ILE A 98 -26.56 16.20 -3.83
C ILE A 98 -26.40 17.09 -2.60
N THR A 99 -26.83 18.35 -2.70
CA THR A 99 -26.69 19.28 -1.57
C THR A 99 -27.68 18.98 -0.46
N ASP A 100 -28.71 18.20 -0.73
CA ASP A 100 -29.65 17.82 0.33
C ASP A 100 -28.95 17.01 1.41
N LEU A 101 -27.95 16.21 1.04
CA LEU A 101 -27.29 15.34 2.01
C LEU A 101 -26.47 16.15 3.01
N LEU A 102 -25.71 17.13 2.53
CA LEU A 102 -24.89 17.93 3.43
C LEU A 102 -25.77 18.86 4.25
N GLY A 103 -25.52 18.92 5.55
CA GLY A 103 -26.34 19.70 6.45
C GLY A 103 -25.90 21.15 6.58
N VAL A 104 -26.82 21.96 7.08
CA VAL A 104 -26.55 23.38 7.26
C VAL A 104 -25.61 23.58 8.45
N GLY A 105 -24.64 24.45 8.28
CA GLY A 105 -23.68 24.71 9.34
C GLY A 105 -22.54 25.55 8.80
N SER A 106 -21.61 25.86 9.71
CA SER A 106 -20.44 26.65 9.34
C SER A 106 -19.58 25.88 8.35
N ARG A 107 -19.10 26.57 7.33
CA ARG A 107 -18.21 26.07 6.29
C ARG A 107 -18.87 25.05 5.36
N ASP A 108 -20.14 24.69 5.59
CA ASP A 108 -20.88 23.88 4.64
C ASP A 108 -21.62 24.72 3.61
N LYS A 109 -21.95 25.96 3.95
CA LYS A 109 -22.46 26.90 2.97
C LYS A 109 -21.45 27.18 1.87
N SER A 110 -20.15 27.13 2.18
CA SER A 110 -19.14 27.34 1.16
C SER A 110 -19.15 26.22 0.13
N LEU A 111 -19.29 24.98 0.60
CA LEU A 111 -19.34 23.84 -0.31
C LEU A 111 -20.66 23.76 -1.05
N ARG A 112 -21.75 24.13 -0.39
CA ARG A 112 -23.09 23.96 -0.97
C ARG A 112 -23.26 24.84 -2.20
N LYS A 113 -22.75 26.08 -2.15
CA LYS A 113 -22.88 26.95 -3.32
C LYS A 113 -22.09 26.41 -4.51
N THR A 114 -20.90 25.87 -4.26
CA THR A 114 -20.11 25.29 -5.35
C THR A 114 -20.80 24.06 -5.93
N LEU A 115 -21.37 23.22 -5.07
CA LEU A 115 -22.04 22.04 -5.60
C LEU A 115 -23.31 22.39 -6.36
N SER A 116 -24.00 23.45 -5.95
CA SER A 116 -25.15 23.92 -6.72
C SER A 116 -24.70 24.61 -8.01
N ALA A 117 -23.45 25.10 -8.05
CA ALA A 117 -22.92 25.64 -9.28
C ALA A 117 -22.75 24.56 -10.34
N LEU A 118 -22.29 23.38 -9.94
CA LEU A 118 -22.10 22.28 -10.87
C LEU A 118 -23.43 21.80 -11.41
N GLU A 119 -23.50 21.57 -12.71
CA GLU A 119 -24.71 21.05 -13.36
C GLU A 119 -24.50 19.58 -13.70
N PHE A 120 -25.20 18.71 -12.99
CA PHE A 120 -25.08 17.28 -13.17
C PHE A 120 -25.84 16.82 -14.42
N GLU A 121 -25.60 15.57 -14.81
CA GLU A 121 -26.35 14.93 -15.86
C GLU A 121 -27.00 13.67 -15.33
N PRO A 122 -28.29 13.46 -15.59
CA PRO A 122 -29.00 12.34 -14.95
C PRO A 122 -28.60 11.00 -15.52
N GLY A 123 -28.79 9.96 -14.71
CA GLY A 123 -28.58 8.59 -15.16
C GLY A 123 -27.17 8.29 -15.61
N GLY A 124 -26.17 8.74 -14.86
CA GLY A 124 -24.80 8.37 -15.19
C GLY A 124 -24.60 6.88 -15.07
N THR A 125 -23.84 6.32 -16.02
CA THR A 125 -23.64 4.88 -16.05
C THR A 125 -22.62 4.40 -15.03
N THR A 126 -21.70 5.26 -14.62
CA THR A 126 -20.61 4.84 -13.74
C THR A 126 -21.13 4.48 -12.36
N THR A 127 -20.88 3.24 -11.94
CA THR A 127 -21.31 2.75 -10.65
C THR A 127 -20.27 3.08 -9.57
N ALA A 128 -20.68 2.94 -8.32
CA ALA A 128 -19.76 3.17 -7.21
C ALA A 128 -18.64 2.15 -7.18
N GLY A 129 -18.95 0.90 -7.55
CA GLY A 129 -17.93 -0.12 -7.56
C GLY A 129 -16.82 0.17 -8.56
N MET A 130 -17.17 0.76 -9.71
CA MET A 130 -16.16 1.15 -10.67
C MET A 130 -15.21 2.18 -10.09
N PHE A 131 -15.76 3.19 -9.41
CA PHE A 131 -14.91 4.19 -8.79
C PHE A 131 -14.06 3.58 -7.70
N LEU A 132 -14.61 2.65 -6.93
CA LEU A 132 -13.84 2.02 -5.86
C LEU A 132 -12.68 1.21 -6.42
N SER A 133 -12.91 0.48 -7.52
CA SER A 133 -11.82 -0.26 -8.14
C SER A 133 -10.76 0.66 -8.72
N PHE A 134 -11.18 1.74 -9.38
CA PHE A 134 -10.23 2.71 -9.91
C PHE A 134 -9.42 3.33 -8.78
N ALA A 135 -10.07 3.66 -7.67
CA ALA A 135 -9.37 4.20 -6.52
C ALA A 135 -8.40 3.18 -5.94
N SER A 136 -8.81 1.92 -5.87
CA SER A 136 -7.95 0.87 -5.37
C SER A 136 -6.72 0.70 -6.26
N LEU A 137 -6.84 1.02 -7.55
CA LEU A 137 -5.69 0.93 -8.43
C LEU A 137 -4.53 1.78 -7.94
N PHE A 138 -4.82 2.85 -7.20
CA PHE A 138 -3.80 3.77 -6.74
C PHE A 138 -3.06 3.28 -5.50
N LEU A 139 -3.60 2.28 -4.80
CA LEU A 139 -3.05 1.90 -3.51
C LEU A 139 -1.62 1.37 -3.60
N PRO A 140 -1.26 0.47 -4.51
CA PRO A 140 0.16 0.17 -4.70
C PRO A 140 0.90 1.41 -5.19
N LYS A 141 2.06 1.66 -4.59
CA LYS A 141 2.90 2.80 -4.93
C LYS A 141 2.20 4.14 -4.68
N LEU A 142 1.34 4.20 -3.67
CA LEU A 142 0.76 5.48 -3.28
C LEU A 142 1.66 6.23 -2.32
N VAL A 143 2.33 5.52 -1.41
CA VAL A 143 3.27 6.14 -0.51
C VAL A 143 4.55 6.56 -1.23
N VAL A 144 4.78 6.01 -2.43
CA VAL A 144 5.99 6.34 -3.18
C VAL A 144 5.92 7.77 -3.70
N GLY A 145 4.77 8.17 -4.23
CA GLY A 145 4.64 9.51 -4.76
C GLY A 145 3.59 9.54 -5.85
N GLU A 146 3.38 10.73 -6.40
CA GLU A 146 2.30 10.91 -7.36
C GLU A 146 2.60 10.28 -8.72
N ARG A 147 3.79 10.51 -9.26
CA ARG A 147 4.06 10.02 -10.61
C ARG A 147 4.19 8.50 -10.64
N ALA A 148 4.90 7.95 -9.67
CA ALA A 148 5.04 6.50 -9.61
C ALA A 148 3.68 5.83 -9.46
N CYS A 149 2.82 6.42 -8.63
CA CYS A 149 1.46 5.93 -8.48
C CYS A 149 0.71 5.98 -9.81
N LEU A 150 0.83 7.10 -10.53
CA LEU A 150 0.12 7.23 -11.80
C LEU A 150 0.64 6.25 -12.84
N GLU A 151 1.96 6.02 -12.86
CA GLU A 151 2.55 5.06 -13.78
C GLU A 151 2.06 3.65 -13.50
N LYS A 152 2.06 3.26 -12.21
CA LYS A 152 1.54 1.96 -11.85
C LYS A 152 0.06 1.86 -12.18
N VAL A 153 -0.68 2.95 -12.03
CA VAL A 153 -2.10 2.94 -12.34
C VAL A 153 -2.33 2.70 -13.83
N GLN A 154 -1.58 3.40 -14.69
CA GLN A 154 -1.71 3.17 -16.12
C GLN A 154 -1.34 1.75 -16.50
N ARG A 155 -0.25 1.22 -15.94
CA ARG A 155 0.14 -0.15 -16.21
C ARG A 155 -0.96 -1.13 -15.81
N GLN A 156 -1.54 -0.91 -14.63
CA GLN A 156 -2.51 -1.86 -14.12
C GLN A 156 -3.84 -1.72 -14.85
N ILE A 157 -4.16 -0.51 -15.35
CA ILE A 157 -5.31 -0.33 -16.22
C ILE A 157 -5.13 -1.14 -17.50
N GLN A 158 -3.94 -1.08 -18.09
CA GLN A 158 -3.65 -1.91 -19.27
C GLN A 158 -3.87 -3.39 -18.96
N ILE A 159 -3.30 -3.84 -17.83
CA ILE A 159 -3.40 -5.24 -17.45
C ILE A 159 -4.86 -5.66 -17.32
N HIS A 160 -5.66 -4.86 -16.61
CA HIS A 160 -7.06 -5.19 -16.37
C HIS A 160 -7.91 -5.04 -17.62
N ALA A 161 -7.48 -4.22 -18.59
CA ALA A 161 -8.20 -4.15 -19.85
C ALA A 161 -7.98 -5.41 -20.67
N GLU A 162 -6.74 -5.91 -20.71
CA GLU A 162 -6.48 -7.11 -21.49
C GLU A 162 -7.02 -8.39 -20.85
N GLN A 163 -7.35 -8.39 -19.56
CA GLN A 163 -8.12 -9.49 -19.02
C GLN A 163 -9.58 -9.42 -19.40
N GLY A 164 -10.06 -8.26 -19.84
CA GLY A 164 -11.47 -8.06 -20.11
C GLY A 164 -12.30 -7.76 -18.88
N LEU A 165 -11.68 -7.54 -17.74
CA LEU A 165 -12.42 -7.37 -16.49
C LEU A 165 -13.27 -6.10 -16.51
N ILE A 166 -12.67 -4.96 -16.85
CA ILE A 166 -13.29 -3.67 -16.60
C ILE A 166 -13.09 -2.78 -17.81
N GLN A 167 -13.83 -1.66 -17.83
CA GLN A 167 -13.71 -0.65 -18.87
C GLN A 167 -13.95 0.71 -18.22
N TYR A 168 -12.88 1.37 -17.82
CA TYR A 168 -12.94 2.70 -17.23
C TYR A 168 -13.21 3.75 -18.30
N PRO A 169 -13.95 4.81 -17.96
CA PRO A 169 -14.19 5.88 -18.93
C PRO A 169 -12.88 6.51 -19.37
N THR A 170 -12.83 6.90 -20.64
CA THR A 170 -11.61 7.49 -21.18
C THR A 170 -11.29 8.82 -20.52
N GLN A 171 -12.28 9.48 -19.92
CA GLN A 171 -12.01 10.70 -19.18
C GLN A 171 -11.35 10.42 -17.84
N TRP A 172 -11.42 9.19 -17.36
CA TRP A 172 -10.69 8.82 -16.15
C TRP A 172 -9.22 8.59 -16.45
N GLN A 173 -8.89 8.20 -17.69
CA GLN A 173 -7.51 7.98 -18.08
C GLN A 173 -6.69 9.25 -18.14
N SER A 174 -7.34 10.41 -18.06
CA SER A 174 -6.60 11.67 -18.15
C SER A 174 -5.68 11.85 -16.96
N VAL A 175 -4.61 12.60 -17.15
CA VAL A 175 -3.63 12.83 -16.09
C VAL A 175 -4.27 13.61 -14.95
N GLY A 176 -5.06 14.63 -15.29
CA GLY A 176 -5.64 15.47 -14.25
C GLY A 176 -6.61 14.74 -13.35
N HIS A 177 -7.43 13.87 -13.93
CA HIS A 177 -8.38 13.11 -13.12
C HIS A 177 -7.65 12.19 -12.17
N MET A 178 -6.56 11.58 -12.63
CA MET A 178 -5.72 10.83 -11.70
C MET A 178 -5.10 11.73 -10.64
N MET A 179 -4.78 12.98 -10.99
CA MET A 179 -4.26 13.91 -9.99
C MET A 179 -5.27 14.10 -8.85
N VAL A 180 -6.53 14.37 -9.21
CA VAL A 180 -7.56 14.59 -8.20
C VAL A 180 -7.81 13.31 -7.40
N VAL A 181 -7.81 12.15 -8.07
CA VAL A 181 -8.07 10.90 -7.33
C VAL A 181 -6.91 10.59 -6.40
N PHE A 182 -5.68 10.83 -6.84
CA PHE A 182 -4.53 10.61 -5.97
C PHE A 182 -4.62 11.49 -4.73
N ARG A 183 -4.96 12.76 -4.92
CA ARG A 183 -5.09 13.66 -3.78
C ARG A 183 -6.17 13.16 -2.82
N LEU A 184 -7.32 12.78 -3.37
CA LEU A 184 -8.44 12.34 -2.56
C LEU A 184 -8.08 11.10 -1.74
N ILE A 185 -7.41 10.14 -2.36
CA ILE A 185 -7.03 8.93 -1.64
C ILE A 185 -5.96 9.23 -0.60
N ARG A 186 -5.00 10.07 -0.95
CA ARG A 186 -3.89 10.35 -0.05
C ARG A 186 -4.39 10.98 1.25
N VAL A 187 -5.29 11.96 1.14
CA VAL A 187 -5.73 12.65 2.34
C VAL A 187 -6.66 11.78 3.19
N ASN A 188 -7.49 10.96 2.55
CA ASN A 188 -8.58 10.28 3.25
C ASN A 188 -8.14 8.91 3.76
N PHE A 189 -8.41 8.65 5.05
CA PHE A 189 -8.04 7.38 5.67
C PHE A 189 -9.13 6.32 5.56
N VAL A 190 -10.39 6.71 5.74
CA VAL A 190 -11.45 5.70 5.81
C VAL A 190 -11.65 5.03 4.45
N LEU A 191 -11.50 5.78 3.35
CA LEU A 191 -11.58 5.16 2.04
C LEU A 191 -10.50 4.09 1.87
N LYS A 192 -9.26 4.43 2.20
CA LYS A 192 -8.17 3.47 2.07
C LYS A 192 -8.38 2.26 2.96
N PHE A 193 -8.81 2.49 4.21
CA PHE A 193 -9.04 1.36 5.10
C PHE A 193 -10.16 0.47 4.59
N LEU A 194 -11.23 1.06 4.06
CA LEU A 194 -12.34 0.24 3.57
C LEU A 194 -11.91 -0.57 2.35
N LEU A 195 -11.13 0.04 1.46
CA LEU A 195 -10.60 -0.72 0.33
C LEU A 195 -9.71 -1.86 0.80
N VAL A 196 -8.85 -1.59 1.79
CA VAL A 196 -7.97 -2.63 2.32
C VAL A 196 -8.80 -3.74 2.97
N HIS A 197 -9.83 -3.38 3.72
CA HIS A 197 -10.64 -4.37 4.42
C HIS A 197 -11.39 -5.28 3.45
N GLN A 198 -12.01 -4.68 2.43
CA GLN A 198 -12.76 -5.49 1.47
C GLN A 198 -11.84 -6.33 0.59
N GLY A 199 -10.65 -5.80 0.26
CA GLY A 199 -9.70 -6.60 -0.48
C GLY A 199 -9.17 -7.78 0.33
N MET A 200 -8.87 -7.55 1.60
CA MET A 200 -8.26 -8.59 2.43
C MET A 200 -9.27 -9.66 2.82
N HIS A 201 -10.47 -9.24 3.23
CA HIS A 201 -11.35 -10.12 4.00
C HIS A 201 -12.43 -10.79 3.17
N MET A 202 -12.47 -10.55 1.86
CA MET A 202 -13.48 -11.16 1.01
C MET A 202 -12.97 -12.50 0.53
N MET A 203 -13.54 -13.59 1.05
CA MET A 203 -13.03 -14.91 0.72
C MET A 203 -13.51 -15.41 -0.63
N ALA A 204 -14.65 -14.94 -1.10
CA ALA A 204 -15.20 -15.39 -2.39
C ALA A 204 -16.31 -14.43 -2.78
N GLY A 205 -16.81 -14.61 -4.00
CA GLY A 205 -17.89 -13.81 -4.50
C GLY A 205 -17.49 -12.58 -5.28
N HIS A 206 -16.23 -12.48 -5.69
CA HIS A 206 -15.74 -11.25 -6.30
C HIS A 206 -16.39 -11.02 -7.66
N ASP A 207 -16.92 -9.82 -7.85
CA ASP A 207 -17.27 -9.37 -9.19
C ASP A 207 -16.02 -8.74 -9.81
N ALA A 208 -16.16 -8.03 -10.93
CA ALA A 208 -14.98 -7.45 -11.58
C ALA A 208 -14.31 -6.44 -10.66
N ASN A 209 -15.11 -5.57 -10.05
CA ASN A 209 -14.58 -4.51 -9.21
C ASN A 209 -13.95 -5.09 -7.94
N ASP A 210 -14.58 -6.10 -7.35
CA ASP A 210 -14.00 -6.74 -6.16
C ASP A 210 -12.71 -7.47 -6.52
N ALA A 211 -12.65 -8.08 -7.71
CA ALA A 211 -11.43 -8.74 -8.15
C ALA A 211 -10.30 -7.72 -8.31
N ILE A 212 -10.60 -6.57 -8.92
CA ILE A 212 -9.59 -5.53 -9.07
C ILE A 212 -9.13 -5.02 -7.71
N ILE A 213 -10.07 -4.78 -6.80
CA ILE A 213 -9.73 -4.27 -5.48
C ILE A 213 -8.86 -5.26 -4.73
N ALA A 214 -9.22 -6.55 -4.77
CA ALA A 214 -8.44 -7.55 -4.06
C ALA A 214 -7.04 -7.69 -4.65
N ASN A 215 -6.93 -7.62 -5.98
CA ASN A 215 -5.63 -7.68 -6.61
C ASN A 215 -4.76 -6.51 -6.18
N SER A 216 -5.31 -5.31 -6.15
CA SER A 216 -4.51 -4.15 -5.78
C SER A 216 -4.18 -4.15 -4.30
N ILE A 217 -5.04 -4.71 -3.46
CA ILE A 217 -4.70 -4.86 -2.05
C ILE A 217 -3.56 -5.85 -1.88
N SER A 218 -3.60 -6.96 -2.62
CA SER A 218 -2.51 -7.94 -2.54
C SER A 218 -1.21 -7.34 -3.04
N GLN A 219 -1.28 -6.49 -4.05
CA GLN A 219 -0.08 -5.81 -4.54
C GLN A 219 0.37 -4.69 -3.60
N THR A 220 -0.52 -4.21 -2.73
CA THR A 220 -0.17 -3.14 -1.80
C THR A 220 0.50 -3.64 -0.54
N ARG A 221 0.60 -4.95 -0.35
CA ARG A 221 1.21 -5.51 0.84
C ARG A 221 2.63 -5.01 1.00
N PHE A 222 2.95 -4.48 2.18
CA PHE A 222 4.27 -3.98 2.53
C PHE A 222 4.76 -2.93 1.54
N SER A 223 3.83 -2.16 0.98
CA SER A 223 4.22 -0.98 0.21
C SER A 223 4.67 0.11 1.17
N GLY A 224 5.85 0.66 0.92
CA GLY A 224 6.45 1.60 1.85
C GLY A 224 7.19 0.96 2.99
N LEU A 225 7.24 -0.36 3.07
CA LEU A 225 7.94 -1.07 4.11
C LEU A 225 8.94 -2.07 3.53
N LEU A 226 9.71 -1.65 2.52
CA LEU A 226 10.71 -2.53 1.94
C LEU A 226 11.80 -2.88 2.94
N ILE A 227 12.04 -2.00 3.92
CA ILE A 227 13.05 -2.29 4.93
C ILE A 227 12.66 -3.52 5.73
N VAL A 228 11.38 -3.63 6.10
CA VAL A 228 10.90 -4.81 6.82
C VAL A 228 11.13 -6.06 5.98
N LYS A 229 10.75 -6.02 4.71
CA LYS A 229 10.89 -7.17 3.85
C LYS A 229 12.34 -7.60 3.73
N THR A 230 13.22 -6.66 3.39
CA THR A 230 14.63 -6.99 3.19
C THR A 230 15.25 -7.54 4.46
N VAL A 231 15.05 -6.85 5.60
CA VAL A 231 15.66 -7.30 6.84
C VAL A 231 15.15 -8.69 7.21
N LEU A 232 13.84 -8.86 7.26
CA LEU A 232 13.27 -10.12 7.75
C LEU A 232 13.50 -11.28 6.79
N GLU A 233 13.74 -11.02 5.51
CA GLU A 233 13.98 -12.12 4.60
C GLU A 233 15.45 -12.46 4.43
N HIS A 234 16.35 -11.49 4.62
CA HIS A 234 17.78 -11.76 4.40
C HIS A 234 18.63 -11.58 5.64
N ILE A 235 18.52 -10.44 6.34
CA ILE A 235 19.45 -10.17 7.43
C ILE A 235 19.14 -11.07 8.62
N LEU A 236 17.88 -11.21 8.97
CA LEU A 236 17.46 -12.11 10.05
C LEU A 236 17.10 -13.44 9.40
N GLN A 237 18.10 -14.26 9.16
CA GLN A 237 17.92 -15.53 8.46
C GLN A 237 17.12 -16.49 9.33
N LYS A 238 16.28 -17.30 8.69
CA LYS A 238 15.41 -18.24 9.37
C LYS A 238 15.91 -19.66 9.10
N THR A 239 16.38 -20.33 10.14
CA THR A 239 16.89 -21.69 9.98
C THR A 239 15.85 -22.66 10.54
N GLU A 240 16.13 -23.96 10.41
CA GLU A 240 15.27 -24.95 11.04
C GLU A 240 15.34 -24.85 12.57
N ALA A 241 16.55 -24.61 13.10
CA ALA A 241 16.75 -24.62 14.54
C ALA A 241 16.42 -23.27 15.17
N GLY A 242 17.08 -22.21 14.72
CA GLY A 242 16.88 -20.89 15.28
C GLY A 242 17.06 -19.80 14.25
N VAL A 243 17.41 -18.60 14.72
CA VAL A 243 17.52 -17.41 13.88
C VAL A 243 18.98 -16.99 13.86
N GLN A 244 19.61 -17.07 12.70
CA GLN A 244 20.98 -16.61 12.49
C GLN A 244 20.95 -15.18 11.98
N LEU A 245 21.93 -14.39 12.40
CA LEU A 245 22.11 -13.07 11.85
C LEU A 245 23.08 -13.14 10.68
N HIS A 246 22.88 -12.28 9.68
CA HIS A 246 23.67 -12.38 8.47
C HIS A 246 25.13 -12.11 8.77
N PRO A 247 26.05 -12.73 8.03
CA PRO A 247 27.48 -12.43 8.23
C PRO A 247 27.81 -10.95 8.09
N LEU A 248 27.13 -10.22 7.21
CA LEU A 248 27.38 -8.81 7.03
C LEU A 248 26.83 -7.94 8.17
N ALA A 249 26.08 -8.51 9.10
CA ALA A 249 25.40 -7.74 10.13
C ALA A 249 25.98 -7.97 11.53
N ARG A 250 27.30 -8.12 11.62
CA ARG A 250 27.96 -8.38 12.89
C ARG A 250 28.53 -7.13 13.56
N THR A 251 28.52 -5.99 12.86
CA THR A 251 29.10 -4.78 13.42
C THR A 251 28.37 -4.37 14.70
N SER A 252 29.14 -3.78 15.63
CA SER A 252 28.58 -3.40 16.92
C SER A 252 27.42 -2.43 16.76
N LYS A 253 27.49 -1.53 15.78
CA LYS A 253 26.38 -0.63 15.53
C LYS A 253 25.18 -1.37 14.95
N VAL A 254 25.43 -2.30 14.02
CA VAL A 254 24.34 -3.01 13.39
C VAL A 254 23.61 -3.90 14.39
N LYS A 255 24.29 -4.36 15.43
CA LYS A 255 23.59 -5.11 16.47
C LYS A 255 22.54 -4.25 17.18
N GLY A 256 22.92 -3.02 17.53
CA GLY A 256 21.95 -2.10 18.10
C GLY A 256 20.83 -1.79 17.13
N GLU A 257 21.18 -1.65 15.85
CA GLU A 257 20.15 -1.47 14.82
C GLU A 257 19.17 -2.64 14.83
N LEU A 258 19.68 -3.86 14.96
CA LEU A 258 18.81 -5.03 14.99
C LEU A 258 17.89 -5.05 16.20
N LEU A 259 18.43 -4.74 17.39
CA LEU A 259 17.55 -4.71 18.56
C LEU A 259 16.48 -3.63 18.44
N ALA A 260 16.85 -2.42 18.01
CA ALA A 260 15.85 -1.38 17.82
C ALA A 260 14.84 -1.77 16.75
N PHE A 261 15.30 -2.39 15.67
CA PHE A 261 14.41 -2.84 14.61
C PHE A 261 13.44 -3.89 15.11
N LYS A 262 13.92 -4.81 15.94
CA LYS A 262 13.00 -5.77 16.55
C LYS A 262 11.94 -5.06 17.36
N SER A 263 12.34 -4.14 18.24
CA SER A 263 11.35 -3.43 19.04
C SER A 263 10.31 -2.75 18.16
N ALA A 264 10.76 -2.12 17.07
CA ALA A 264 9.82 -1.54 16.12
C ALA A 264 8.91 -2.59 15.49
N LEU A 265 9.40 -3.83 15.34
CA LEU A 265 8.57 -4.86 14.73
C LEU A 265 7.54 -5.44 15.70
N GLU A 266 7.87 -5.54 16.99
CA GLU A 266 6.82 -5.75 17.98
C GLU A 266 5.80 -4.62 17.94
N ALA A 267 6.24 -3.38 17.71
CA ALA A 267 5.28 -2.30 17.55
C ALA A 267 4.39 -2.51 16.33
N LEU A 268 4.98 -2.98 15.22
CA LEU A 268 4.24 -3.14 13.97
C LEU A 268 3.27 -4.31 14.04
N ALA A 269 3.69 -5.43 14.63
CA ALA A 269 2.84 -6.62 14.66
C ALA A 269 1.66 -6.46 15.59
N SER A 270 1.63 -5.40 16.40
CA SER A 270 0.44 -5.10 17.18
C SER A 270 -0.74 -4.80 16.28
N HIS A 271 -0.50 -4.12 15.17
CA HIS A 271 -1.50 -3.97 14.11
C HIS A 271 -1.58 -5.29 13.34
N ARG A 272 -2.14 -6.29 14.00
CA ARG A 272 -2.31 -7.59 13.40
C ARG A 272 -3.11 -7.46 12.11
N GLU A 273 -2.73 -8.25 11.10
CA GLU A 273 -3.40 -8.36 9.80
C GLU A 273 -3.54 -7.04 9.09
N TYR A 274 -2.97 -5.98 9.66
CA TYR A 274 -2.93 -4.67 9.01
C TYR A 274 -1.54 -4.09 8.99
N ALA A 275 -0.57 -4.76 9.62
CA ALA A 275 0.82 -4.34 9.54
C ALA A 275 1.33 -4.20 8.10
N PRO A 276 0.99 -5.07 7.15
CA PRO A 276 1.48 -4.86 5.78
C PRO A 276 1.09 -3.53 5.18
N PHE A 277 -0.02 -2.94 5.63
CA PHE A 277 -0.52 -1.69 5.07
C PHE A 277 -0.30 -0.53 6.03
N ALA A 278 0.71 -0.63 6.89
CA ALA A 278 0.93 0.37 7.93
C ALA A 278 1.32 1.71 7.33
N ARG A 279 2.28 1.73 6.40
CA ARG A 279 2.69 3.00 5.81
C ARG A 279 1.59 3.59 4.96
N LEU A 280 0.79 2.76 4.30
CA LEU A 280 -0.35 3.24 3.55
C LEU A 280 -1.37 3.90 4.47
N LEU A 281 -1.74 3.22 5.54
CA LEU A 281 -2.75 3.68 6.47
C LEU A 281 -2.17 4.58 7.57
N ASN A 282 -0.86 4.80 7.56
CA ASN A 282 -0.20 5.68 8.52
C ASN A 282 -0.48 5.24 9.95
N LEU A 283 -0.24 3.96 10.23
CA LEU A 283 -0.52 3.41 11.53
C LEU A 283 0.47 3.95 12.56
N SER A 284 0.35 3.46 13.80
CA SER A 284 1.02 4.09 14.92
C SER A 284 2.55 4.01 14.78
N GLY A 285 3.09 2.80 14.80
CA GLY A 285 4.53 2.65 14.88
C GLY A 285 5.24 2.55 13.55
N VAL A 286 4.74 3.25 12.54
CA VAL A 286 5.35 3.16 11.22
C VAL A 286 6.51 4.15 11.09
N ASN A 287 6.47 5.25 11.85
CA ASN A 287 7.60 6.17 11.84
C ASN A 287 8.78 5.61 12.60
N ASN A 288 8.55 4.60 13.44
CA ASN A 288 9.64 3.91 14.10
C ASN A 288 10.37 2.98 13.14
N LEU A 289 9.77 2.69 11.99
CA LEU A 289 10.38 1.90 10.93
C LEU A 289 10.70 2.85 9.78
N GLU A 290 11.94 3.35 9.74
CA GLU A 290 12.32 4.31 8.72
C GLU A 290 13.78 4.10 8.32
N HIS A 291 14.11 4.61 7.15
CA HIS A 291 15.51 4.75 6.74
C HIS A 291 16.04 6.05 7.31
N GLY A 292 16.90 5.95 8.30
CA GLY A 292 17.40 7.13 8.99
C GLY A 292 17.46 6.87 10.47
N LEU A 293 16.53 6.07 10.98
CA LEU A 293 16.75 5.45 12.28
C LEU A 293 17.70 4.27 12.17
N TYR A 294 17.76 3.64 11.00
CA TYR A 294 18.56 2.43 10.79
C TYR A 294 19.36 2.58 9.50
N PRO A 295 20.36 3.46 9.49
CA PRO A 295 21.10 3.68 8.24
C PRO A 295 21.93 2.48 7.81
N GLN A 296 22.77 1.99 8.71
CA GLN A 296 23.61 0.84 8.40
C GLN A 296 22.76 -0.37 8.04
N LEU A 297 21.77 -0.68 8.88
CA LEU A 297 20.93 -1.85 8.64
C LEU A 297 20.14 -1.70 7.35
N SER A 298 19.59 -0.52 7.09
CA SER A 298 18.86 -0.31 5.84
C SER A 298 19.74 -0.57 4.63
N ALA A 299 20.89 0.09 4.57
CA ALA A 299 21.75 -0.04 3.40
C ALA A 299 22.24 -1.47 3.24
N ILE A 300 22.67 -2.09 4.34
CA ILE A 300 23.19 -3.44 4.26
C ILE A 300 22.11 -4.42 3.83
N ALA A 301 20.91 -4.31 4.41
CA ALA A 301 19.83 -5.23 4.07
C ALA A 301 19.40 -5.08 2.63
N LEU A 302 19.30 -3.84 2.14
CA LEU A 302 18.90 -3.66 0.74
C LEU A 302 19.99 -4.13 -0.21
N GLY A 303 21.26 -3.96 0.17
CA GLY A 303 22.34 -4.49 -0.65
C GLY A 303 22.34 -6.00 -0.70
N VAL A 304 22.12 -6.65 0.44
CA VAL A 304 22.06 -8.11 0.49
C VAL A 304 20.88 -8.62 -0.32
N ALA A 305 19.73 -7.94 -0.22
CA ALA A 305 18.56 -8.35 -0.98
C ALA A 305 18.77 -8.14 -2.48
N THR A 306 19.45 -7.07 -2.87
CA THR A 306 19.71 -6.81 -4.28
C THR A 306 20.58 -7.90 -4.89
N ALA A 307 21.40 -8.56 -4.09
CA ALA A 307 22.27 -9.62 -4.60
C ALA A 307 21.51 -10.86 -5.00
N HIS A 308 20.24 -10.99 -4.61
CA HIS A 308 19.43 -12.16 -4.90
C HIS A 308 18.44 -11.93 -6.03
N GLY A 309 17.66 -10.86 -5.95
CA GLY A 309 16.66 -10.54 -6.96
C GLY A 309 17.15 -9.45 -7.90
N SER A 310 16.97 -9.67 -9.20
CA SER A 310 17.39 -8.69 -10.18
C SER A 310 16.48 -7.47 -10.20
N THR A 311 15.27 -7.57 -9.63
CA THR A 311 14.35 -6.44 -9.67
C THR A 311 14.63 -5.44 -8.56
N LEU A 312 15.17 -5.89 -7.43
CA LEU A 312 15.49 -4.97 -6.35
C LEU A 312 16.63 -4.02 -6.69
N ALA A 313 17.33 -4.26 -7.80
CA ALA A 313 18.34 -3.31 -8.25
C ALA A 313 17.75 -1.99 -8.71
N GLY A 314 16.44 -1.92 -8.92
CA GLY A 314 15.79 -0.68 -9.29
C GLY A 314 15.39 0.20 -8.13
N VAL A 315 15.53 -0.28 -6.90
CA VAL A 315 15.16 0.52 -5.73
C VAL A 315 16.16 1.65 -5.57
N ASN A 316 15.64 2.86 -5.40
CA ASN A 316 16.47 4.03 -5.15
C ASN A 316 16.63 4.25 -3.66
N VAL A 317 17.73 4.91 -3.29
CA VAL A 317 18.00 5.31 -1.92
C VAL A 317 18.59 6.72 -1.92
N SER A 318 18.74 7.26 -0.72
CA SER A 318 19.33 8.58 -0.57
C SER A 318 20.81 8.57 -0.95
N GLU A 319 21.44 9.74 -0.89
CA GLU A 319 22.83 9.87 -1.29
C GLU A 319 23.73 9.00 -0.43
N GLN A 320 23.30 8.74 0.80
CA GLN A 320 24.17 8.20 1.84
C GLN A 320 24.04 6.70 2.05
N TYR A 321 23.08 6.05 1.43
CA TYR A 321 22.96 4.60 1.49
C TYR A 321 23.53 3.91 0.27
N GLN A 322 23.89 4.66 -0.77
CA GLN A 322 24.23 4.06 -2.06
C GLN A 322 25.52 3.24 -1.96
N GLN A 323 26.58 3.84 -1.42
CA GLN A 323 27.88 3.17 -1.44
C GLN A 323 27.88 1.94 -0.54
N LEU A 324 27.30 2.05 0.66
CA LEU A 324 27.17 0.88 1.51
C LEU A 324 26.27 -0.16 0.88
N ARG A 325 25.26 0.27 0.12
CA ARG A 325 24.40 -0.69 -0.56
C ARG A 325 25.19 -1.52 -1.56
N GLU A 326 25.95 -0.88 -2.45
CA GLU A 326 26.65 -1.71 -3.43
C GLU A 326 27.84 -2.44 -2.80
N ALA A 327 28.45 -1.91 -1.74
CA ALA A 327 29.47 -2.67 -1.04
C ALA A 327 28.89 -3.98 -0.49
N ALA A 328 27.74 -3.89 0.17
CA ALA A 328 27.07 -5.09 0.65
C ALA A 328 26.62 -5.98 -0.50
N THR A 329 26.25 -5.38 -1.64
CA THR A 329 25.83 -6.17 -2.79
C THR A 329 26.96 -7.03 -3.31
N GLU A 330 28.14 -6.46 -3.47
CA GLU A 330 29.27 -7.25 -3.96
C GLU A 330 29.74 -8.26 -2.93
N ALA A 331 29.71 -7.89 -1.64
CA ALA A 331 30.06 -8.85 -0.61
C ALA A 331 29.13 -10.05 -0.64
N GLU A 332 27.82 -9.80 -0.76
CA GLU A 332 26.85 -10.89 -0.77
C GLU A 332 26.90 -11.67 -2.08
N LYS A 333 27.25 -11.02 -3.19
CA LYS A 333 27.42 -11.74 -4.43
C LYS A 333 28.55 -12.76 -4.31
N GLN A 334 29.68 -12.34 -3.76
CA GLN A 334 30.80 -13.26 -3.59
C GLN A 334 30.47 -14.35 -2.58
N LEU A 335 29.80 -13.99 -1.48
CA LEU A 335 29.41 -14.98 -0.49
C LEU A 335 28.42 -15.99 -1.08
N GLN A 336 27.50 -15.54 -1.92
CA GLN A 336 26.54 -16.45 -2.52
C GLN A 336 27.21 -17.35 -3.54
N GLN A 337 28.21 -16.84 -4.24
CA GLN A 337 29.00 -17.68 -5.12
C GLN A 337 29.69 -18.80 -4.33
N HIS A 338 30.31 -18.43 -3.20
CA HIS A 338 31.03 -19.41 -2.40
C HIS A 338 30.08 -20.44 -1.80
N SER A 339 28.94 -19.98 -1.27
CA SER A 339 27.96 -20.91 -0.74
C SER A 339 27.39 -21.80 -1.83
N GLU A 340 27.12 -21.22 -2.99
CA GLU A 340 26.72 -21.95 -4.18
C GLU A 340 27.61 -23.15 -4.44
N MET A 341 28.90 -22.91 -4.68
CA MET A 341 29.75 -24.06 -4.99
C MET A 341 30.21 -24.83 -3.76
N ARG A 342 29.82 -24.40 -2.56
CA ARG A 342 30.25 -25.11 -1.36
C ARG A 342 29.33 -26.24 -0.93
N GLU A 343 28.02 -26.12 -1.14
CA GLU A 343 27.09 -27.15 -0.68
C GLU A 343 26.61 -28.09 -1.78
N LEU A 344 27.16 -28.01 -2.98
CA LEU A 344 26.90 -29.07 -3.95
C LEU A 344 27.45 -30.40 -3.45
N GLU A 345 28.66 -30.38 -2.89
CA GLU A 345 29.27 -31.60 -2.39
C GLU A 345 28.52 -32.17 -1.19
N THR A 346 27.90 -31.30 -0.38
CA THR A 346 27.17 -31.77 0.79
C THR A 346 25.98 -32.65 0.42
N LEU A 347 25.47 -32.53 -0.81
CA LEU A 347 24.41 -33.40 -1.28
C LEU A 347 25.01 -34.62 -1.97
N GLY A 348 24.40 -35.78 -1.74
CA GLY A 348 24.87 -36.97 -2.41
C GLY A 348 24.50 -36.95 -3.87
N LEU A 349 25.50 -36.76 -4.73
CA LEU A 349 25.28 -36.64 -6.16
C LEU A 349 26.46 -37.26 -6.89
N ASP A 350 26.20 -37.75 -8.10
CA ASP A 350 27.26 -38.29 -8.92
C ASP A 350 28.15 -37.18 -9.46
N GLU A 351 29.24 -37.57 -10.11
CA GLU A 351 30.00 -36.60 -10.88
C GLU A 351 29.15 -36.00 -11.99
N GLN A 352 28.32 -36.83 -12.63
CA GLN A 352 27.49 -36.35 -13.75
C GLN A 352 26.46 -35.34 -13.28
N GLU A 353 25.69 -35.68 -12.23
CA GLU A 353 24.64 -34.79 -11.74
C GLU A 353 25.22 -33.48 -11.23
N ARG A 354 26.31 -33.54 -10.46
CA ARG A 354 26.95 -32.32 -9.98
C ARG A 354 27.49 -31.49 -11.13
N LYS A 355 28.02 -32.14 -12.16
CA LYS A 355 28.53 -31.43 -13.32
C LYS A 355 27.42 -30.66 -14.02
N ILE A 356 26.28 -31.34 -14.22
CA ILE A 356 25.13 -30.71 -14.86
C ILE A 356 24.63 -29.55 -14.01
N LEU A 357 24.57 -29.74 -12.70
CA LEU A 357 24.10 -28.69 -11.81
C LEU A 357 25.05 -27.49 -11.79
N ALA A 358 26.35 -27.72 -11.90
CA ALA A 358 27.28 -26.60 -11.99
C ALA A 358 27.07 -25.81 -13.28
N THR A 359 26.84 -26.52 -14.39
CA THR A 359 26.50 -25.82 -15.62
C THR A 359 25.24 -24.98 -15.45
N PHE A 360 24.23 -25.56 -14.79
CA PHE A 360 22.97 -24.85 -14.55
C PHE A 360 23.18 -23.62 -13.67
N HIS A 361 23.99 -23.75 -12.62
CA HIS A 361 24.20 -22.62 -11.72
C HIS A 361 24.96 -21.50 -12.42
N SER A 362 25.95 -21.84 -13.23
CA SER A 362 26.63 -20.81 -14.01
C SER A 362 25.66 -20.11 -14.96
N ARG A 363 24.83 -20.89 -15.65
CA ARG A 363 23.87 -20.32 -16.59
C ARG A 363 22.90 -19.38 -15.87
N LYS A 364 22.41 -19.81 -14.71
CA LYS A 364 21.54 -18.98 -13.89
C LYS A 364 22.25 -17.68 -13.47
N ASN A 365 23.54 -17.78 -13.11
CA ASN A 365 24.27 -16.60 -12.67
C ASN A 365 24.39 -15.57 -13.79
N GLU A 366 24.73 -16.02 -15.00
CA GLU A 366 24.79 -15.10 -16.13
C GLU A 366 23.42 -14.52 -16.49
N ILE A 367 22.35 -15.32 -16.37
CA ILE A 367 21.02 -14.75 -16.59
C ILE A 367 20.75 -13.65 -15.57
N ASN A 368 21.14 -13.87 -14.32
CA ASN A 368 20.95 -12.87 -13.28
C ASN A 368 21.74 -11.61 -13.57
N ILE A 369 22.96 -11.76 -14.09
CA ILE A 369 23.75 -10.57 -14.45
C ILE A 369 23.06 -9.79 -15.56
N GLN A 370 22.58 -10.50 -16.59
CA GLN A 370 21.80 -9.86 -17.64
C GLN A 370 20.67 -9.04 -17.06
N GLN A 371 19.89 -9.65 -16.17
CA GLN A 371 18.68 -9.00 -15.67
C GLN A 371 19.01 -7.82 -14.75
N THR A 372 19.99 -8.00 -13.86
CA THR A 372 20.36 -6.91 -12.96
C THR A 372 20.91 -5.72 -13.72
N SER A 373 21.75 -5.98 -14.72
CA SER A 373 22.27 -4.89 -15.55
C SER A 373 21.16 -4.19 -16.30
N SER A 374 20.19 -4.95 -16.83
CA SER A 374 19.08 -4.33 -17.53
C SER A 374 18.26 -3.44 -16.60
N ILE A 375 17.98 -3.92 -15.40
CA ILE A 375 17.23 -3.12 -14.43
C ILE A 375 18.00 -1.86 -14.08
N LEU A 376 19.33 -1.97 -13.94
CA LEU A 376 20.14 -0.80 -13.65
C LEU A 376 20.06 0.21 -14.78
N ALA A 377 20.08 -0.27 -16.03
CA ALA A 377 19.95 0.64 -17.17
C ALA A 377 18.60 1.32 -17.20
N ILE A 378 17.54 0.57 -16.89
CA ILE A 378 16.19 1.17 -16.84
C ILE A 378 16.12 2.22 -15.74
N ARG A 379 16.73 1.95 -14.60
CA ARG A 379 16.77 2.94 -13.52
C ARG A 379 17.55 4.18 -13.94
N LYS A 380 18.65 3.98 -14.67
CA LYS A 380 19.41 5.12 -15.19
C LYS A 380 18.56 5.96 -16.12
N GLU A 381 17.74 5.31 -16.95
CA GLU A 381 16.79 6.03 -17.79
C GLU A 381 15.79 6.81 -16.95
N ARG A 382 15.31 6.21 -15.86
CA ARG A 382 14.36 6.89 -14.99
C ARG A 382 14.96 8.16 -14.39
N LEU A 383 16.18 8.05 -13.84
CA LEU A 383 16.87 9.24 -13.34
C LEU A 383 17.12 10.26 -14.44
N ARG A 384 17.46 9.81 -15.65
CA ARG A 384 17.64 10.76 -16.75
C ARG A 384 16.34 11.50 -17.04
N LYS A 385 15.21 10.80 -16.94
CA LYS A 385 13.92 11.48 -17.03
C LYS A 385 13.79 12.53 -15.93
N LEU A 386 14.23 12.19 -14.71
CA LEU A 386 14.28 13.20 -13.66
C LEU A 386 15.33 14.28 -13.96
N THR A 387 16.55 13.86 -14.31
CA THR A 387 17.72 14.71 -14.48
C THR A 387 17.72 15.96 -13.59
#